data_1CQO
#
_entry.id   1CQO
#
_cell.length_a   1.000
_cell.length_b   1.000
_cell.length_c   1.000
_cell.angle_alpha   90.00
_cell.angle_beta   90.00
_cell.angle_gamma   90.00
#
_symmetry.space_group_name_H-M   'P 1'
#
_entity_poly.entity_id   1
_entity_poly.type   'polydeoxyribonucleotide'
_entity_poly.pdbx_seq_one_letter_code
;(DG)(DC)(DG)(DT)(DT)(DA)(DA)(DC)(DG)(DC)
;
_entity_poly.pdbx_strand_id   A,B
#